data_6AVK
#
_entry.id   6AVK
#
_cell.length_a   47.310
_cell.length_b   93.520
_cell.length_c   104.450
_cell.angle_alpha   90.00
_cell.angle_beta   90.00
_cell.angle_gamma   90.00
#
_symmetry.space_group_name_H-M   'I 2 2 2'
#
loop_
_entity.id
_entity.type
_entity.pdbx_description
1 polymer Streptavidin
2 non-polymer N-[(2H-1,3-benzodioxol-5-yl)methyl]-2-({[(2H-1,3-benzodioxol-5-yl)methyl][2-(chloromethyl)-1,3-oxazole-4-carbonyl]amino}methyl)-N-[(4-carbamoyl-1,3-oxazol-2-yl)methyl]-1,3-oxazole-4-carboxamide
3 non-polymer 1-hydroxydodecan-4-one
4 water water
#
_entity_poly.entity_id   1
_entity_poly.type   'polypeptide(L)'
_entity_poly.pdbx_seq_one_letter_code
;AEAGITGTWYNQLGSTFIVTAGADGALTGTYESAVGNAESRYVLTGRYDSAPATDGSGTALGWTVAWKNNYRNAHSATTW
SGQYVGGAEARINTQWLLTSGTTEANAWKSTLVGHDTFTKVKP
;
_entity_poly.pdbx_strand_id   A,B
#
# COMPACT_ATOMS: atom_id res chain seq x y z
N ALA A 3 -2.25 -19.44 -13.92
CA ALA A 3 -0.96 -18.90 -13.46
C ALA A 3 -1.10 -18.30 -12.05
N GLY A 4 -1.19 -16.97 -11.92
CA GLY A 4 -1.33 -16.32 -10.61
C GLY A 4 -0.68 -14.95 -10.50
N ILE A 5 -0.75 -14.35 -9.30
CA ILE A 5 -0.13 -13.04 -9.04
C ILE A 5 1.39 -13.12 -9.12
N THR A 6 1.97 -14.22 -8.62
CA THR A 6 3.42 -14.36 -8.68
C THR A 6 3.92 -14.23 -10.11
N GLY A 7 4.93 -13.38 -10.29
CA GLY A 7 5.50 -13.20 -11.61
C GLY A 7 6.11 -11.84 -11.81
N THR A 8 6.43 -11.55 -13.08
CA THR A 8 6.99 -10.29 -13.50
C THR A 8 5.92 -9.53 -14.27
N TRP A 9 5.62 -8.34 -13.81
CA TRP A 9 4.58 -7.49 -14.37
C TRP A 9 5.15 -6.21 -14.96
N TYR A 10 4.42 -5.65 -15.92
CA TYR A 10 4.86 -4.44 -16.61
C TYR A 10 3.71 -3.51 -16.83
N ASN A 11 3.99 -2.21 -16.80
CA ASN A 11 2.98 -1.23 -17.21
C ASN A 11 3.38 -0.75 -18.64
N GLN A 12 2.73 0.30 -19.16
CA GLN A 12 3.02 0.82 -20.51
C GLN A 12 3.89 2.09 -20.48
N LEU A 13 4.37 2.46 -19.27
CA LEU A 13 5.16 3.68 -19.08
C LEU A 13 6.64 3.48 -18.71
N GLY A 14 7.09 2.24 -18.60
CA GLY A 14 8.49 1.96 -18.29
C GLY A 14 8.77 1.39 -16.90
N SER A 15 7.75 0.79 -16.27
CA SER A 15 7.90 0.15 -14.96
C SER A 15 7.86 -1.33 -15.10
N THR A 16 8.56 -2.01 -14.21
CA THR A 16 8.53 -3.46 -14.10
C THR A 16 8.50 -3.81 -12.63
N PHE A 17 7.68 -4.78 -12.24
CA PHE A 17 7.79 -5.26 -10.88
C PHE A 17 7.75 -6.74 -10.84
N ILE A 18 8.53 -7.31 -9.93
CA ILE A 18 8.64 -8.74 -9.74
C ILE A 18 8.07 -9.02 -8.37
N VAL A 19 7.09 -9.92 -8.30
CA VAL A 19 6.42 -10.16 -7.05
C VAL A 19 6.20 -11.62 -6.79
N THR A 20 6.25 -11.99 -5.50
N THR A 20 6.21 -11.99 -5.51
CA THR A 20 5.90 -13.29 -4.99
CA THR A 20 5.88 -13.33 -5.05
C THR A 20 4.65 -13.09 -4.14
C THR A 20 4.72 -13.19 -4.11
N ALA A 21 3.64 -13.93 -4.38
CA ALA A 21 2.41 -13.92 -3.61
C ALA A 21 2.43 -15.15 -2.70
N GLY A 22 2.54 -14.90 -1.39
CA GLY A 22 2.61 -15.98 -0.41
C GLY A 22 1.24 -16.61 -0.21
N ALA A 23 1.21 -17.86 0.23
CA ALA A 23 -0.04 -18.59 0.40
C ALA A 23 -1.05 -17.92 1.31
N ASP A 24 -0.58 -17.16 2.33
CA ASP A 24 -1.51 -16.57 3.30
C ASP A 24 -1.76 -15.06 3.10
N GLY A 25 -1.38 -14.52 1.94
CA GLY A 25 -1.73 -13.15 1.64
C GLY A 25 -0.61 -12.14 1.48
N ALA A 26 0.63 -12.57 1.65
CA ALA A 26 1.73 -11.63 1.54
C ALA A 26 2.09 -11.33 0.09
N LEU A 27 2.46 -10.07 -0.19
CA LEU A 27 3.05 -9.70 -1.48
C LEU A 27 4.43 -9.15 -1.16
N THR A 28 5.47 -9.69 -1.82
CA THR A 28 6.83 -9.23 -1.56
C THR A 28 7.56 -9.17 -2.90
N GLY A 29 8.32 -8.11 -3.14
CA GLY A 29 9.07 -8.09 -4.37
C GLY A 29 9.86 -6.83 -4.58
N THR A 30 10.09 -6.52 -5.86
CA THR A 30 10.91 -5.41 -6.31
C THR A 30 10.16 -4.62 -7.35
N TYR A 31 10.27 -3.31 -7.32
CA TYR A 31 9.67 -2.43 -8.32
C TYR A 31 10.83 -1.67 -8.95
N GLU A 32 10.90 -1.66 -10.28
CA GLU A 32 12.03 -1.03 -10.97
C GLU A 32 11.67 -0.40 -12.31
N SER A 33 12.68 0.22 -12.96
CA SER A 33 12.49 0.80 -14.29
C SER A 33 12.59 -0.36 -15.30
N ALA A 34 12.21 -0.09 -16.56
CA ALA A 34 12.27 -1.06 -17.66
C ALA A 34 13.68 -1.60 -17.87
N VAL A 35 14.72 -0.73 -17.78
CA VAL A 35 16.12 -1.15 -17.94
C VAL A 35 16.57 -2.06 -16.77
N GLY A 36 16.01 -1.80 -15.58
CA GLY A 36 16.26 -2.63 -14.40
C GLY A 36 17.64 -2.53 -13.76
N ASN A 37 18.28 -1.36 -13.87
CA ASN A 37 19.57 -1.10 -13.23
C ASN A 37 19.36 -0.99 -11.72
N ALA A 38 20.38 -1.36 -10.92
CA ALA A 38 20.30 -1.36 -9.45
C ALA A 38 19.75 -0.06 -8.84
N GLU A 39 20.16 1.11 -9.38
CA GLU A 39 19.73 2.40 -8.86
C GLU A 39 18.23 2.69 -9.02
N SER A 40 17.53 1.96 -9.92
CA SER A 40 16.10 2.19 -10.11
C SER A 40 15.23 1.10 -9.42
N ARG A 41 15.86 0.15 -8.69
CA ARG A 41 15.16 -0.96 -8.01
C ARG A 41 14.79 -0.61 -6.56
N TYR A 42 13.54 -0.85 -6.16
CA TYR A 42 13.05 -0.51 -4.83
C TYR A 42 12.24 -1.66 -4.27
N VAL A 43 12.27 -1.82 -2.95
CA VAL A 43 11.50 -2.88 -2.29
C VAL A 43 10.01 -2.58 -2.37
N LEU A 44 9.21 -3.64 -2.62
CA LEU A 44 7.74 -3.59 -2.68
C LEU A 44 7.22 -4.58 -1.64
N THR A 45 6.21 -4.17 -0.85
CA THR A 45 5.53 -5.10 0.06
C THR A 45 4.06 -4.77 0.09
N GLY A 46 3.24 -5.79 0.20
CA GLY A 46 1.80 -5.59 0.24
C GLY A 46 1.06 -6.82 0.68
N ARG A 47 -0.24 -6.82 0.39
CA ARG A 47 -1.14 -7.88 0.80
C ARG A 47 -2.16 -8.14 -0.29
N TYR A 48 -2.68 -9.36 -0.36
CA TYR A 48 -3.75 -9.67 -1.29
C TYR A 48 -4.73 -10.63 -0.61
N ASP A 49 -5.95 -10.72 -1.17
CA ASP A 49 -6.95 -11.64 -0.65
C ASP A 49 -6.59 -13.06 -1.12
N SER A 50 -6.14 -13.92 -0.17
CA SER A 50 -5.70 -15.27 -0.52
C SER A 50 -6.82 -16.28 -0.68
N ALA A 51 -8.08 -15.85 -0.55
CA ALA A 51 -9.24 -16.72 -0.78
C ALA A 51 -10.32 -15.87 -1.43
N PRO A 52 -10.13 -15.48 -2.71
CA PRO A 52 -11.10 -14.61 -3.37
C PRO A 52 -12.43 -15.30 -3.57
N ALA A 53 -13.46 -14.50 -3.87
CA ALA A 53 -14.81 -15.00 -4.10
C ALA A 53 -14.82 -15.94 -5.31
N THR A 54 -15.72 -16.92 -5.31
CA THR A 54 -15.81 -17.92 -6.39
C THR A 54 -17.00 -17.61 -7.31
N ASP A 55 -17.17 -16.32 -7.64
CA ASP A 55 -18.26 -15.78 -8.48
C ASP A 55 -17.78 -15.00 -9.72
N GLY A 56 -16.50 -15.11 -10.05
CA GLY A 56 -15.94 -14.39 -11.20
C GLY A 56 -15.35 -13.04 -10.84
N SER A 57 -15.31 -12.70 -9.53
CA SER A 57 -14.77 -11.42 -9.12
C SER A 57 -13.25 -11.43 -9.11
N GLY A 58 -12.67 -10.25 -9.29
CA GLY A 58 -11.22 -10.08 -9.19
C GLY A 58 -10.71 -10.31 -7.78
N THR A 59 -9.38 -10.36 -7.62
CA THR A 59 -8.73 -10.58 -6.33
C THR A 59 -8.19 -9.25 -5.85
N ALA A 60 -8.71 -8.75 -4.72
CA ALA A 60 -8.26 -7.49 -4.19
C ALA A 60 -6.84 -7.54 -3.66
N LEU A 61 -6.08 -6.47 -3.86
CA LEU A 61 -4.69 -6.41 -3.43
C LEU A 61 -4.23 -4.98 -3.28
N GLY A 62 -3.07 -4.83 -2.67
CA GLY A 62 -2.43 -3.53 -2.58
C GLY A 62 -0.97 -3.70 -2.24
N TRP A 63 -0.16 -2.70 -2.55
CA TRP A 63 1.23 -2.72 -2.16
C TRP A 63 1.78 -1.31 -2.05
N THR A 64 2.95 -1.21 -1.42
CA THR A 64 3.65 0.06 -1.22
C THR A 64 5.07 -0.05 -1.69
N VAL A 65 5.58 1.06 -2.23
CA VAL A 65 6.98 1.26 -2.51
C VAL A 65 7.37 2.59 -1.91
N ALA A 66 8.33 2.62 -0.98
CA ALA A 66 8.92 3.87 -0.53
C ALA A 66 10.11 4.08 -1.47
N TRP A 67 10.21 5.29 -2.02
CA TRP A 67 11.21 5.61 -3.05
C TRP A 67 12.58 5.95 -2.47
N LYS A 68 13.10 5.02 -1.68
CA LYS A 68 14.45 5.09 -1.11
C LYS A 68 15.10 3.73 -1.34
N ASN A 69 16.33 3.76 -1.84
CA ASN A 69 17.15 2.56 -1.99
C ASN A 69 18.57 2.96 -1.59
N ASN A 70 19.57 2.13 -1.91
CA ASN A 70 20.95 2.47 -1.54
C ASN A 70 21.57 3.58 -2.39
N TYR A 71 20.88 4.02 -3.43
CA TYR A 71 21.37 5.01 -4.38
C TYR A 71 20.71 6.35 -4.32
N ARG A 72 19.40 6.35 -4.07
CA ARG A 72 18.57 7.55 -4.17
C ARG A 72 17.52 7.58 -3.09
N ASN A 73 17.02 8.78 -2.79
CA ASN A 73 15.91 8.94 -1.86
C ASN A 73 15.05 10.12 -2.30
N ALA A 74 13.86 9.82 -2.82
CA ALA A 74 12.93 10.84 -3.30
C ALA A 74 12.05 11.37 -2.16
N HIS A 75 12.17 10.83 -0.93
CA HIS A 75 11.35 11.24 0.22
C HIS A 75 9.87 11.18 -0.14
N SER A 76 9.46 10.02 -0.63
CA SER A 76 8.09 9.79 -1.07
C SER A 76 7.78 8.32 -1.05
N ALA A 77 6.48 8.00 -1.14
CA ALA A 77 6.06 6.61 -1.17
C ALA A 77 4.79 6.50 -1.98
N THR A 78 4.66 5.43 -2.79
CA THR A 78 3.45 5.18 -3.57
C THR A 78 2.77 3.94 -3.02
N THR A 79 1.44 4.00 -2.93
CA THR A 79 0.63 2.83 -2.68
C THR A 79 -0.26 2.57 -3.89
N TRP A 80 -0.39 1.32 -4.30
CA TRP A 80 -1.27 0.88 -5.37
C TRP A 80 -2.35 0.01 -4.74
N SER A 81 -3.62 0.28 -5.04
CA SER A 81 -4.77 -0.46 -4.55
C SER A 81 -5.51 -0.94 -5.78
N GLY A 82 -5.81 -2.24 -5.85
CA GLY A 82 -6.46 -2.71 -7.06
C GLY A 82 -6.92 -4.13 -7.00
N GLN A 83 -7.09 -4.70 -8.17
CA GLN A 83 -7.49 -6.09 -8.24
C GLN A 83 -6.80 -6.83 -9.36
N TYR A 84 -6.50 -8.09 -9.09
CA TYR A 84 -5.91 -8.98 -10.05
C TYR A 84 -7.07 -9.73 -10.74
N VAL A 85 -6.99 -9.85 -12.06
CA VAL A 85 -7.98 -10.60 -12.84
C VAL A 85 -7.18 -11.63 -13.61
N GLY A 86 -7.45 -12.91 -13.36
CA GLY A 86 -6.72 -14.00 -14.00
C GLY A 86 -7.18 -14.27 -15.42
N GLY A 87 -6.72 -15.38 -15.96
CA GLY A 87 -7.08 -15.78 -17.32
C GLY A 87 -5.89 -15.69 -18.25
N ALA A 88 -6.17 -15.85 -19.56
CA ALA A 88 -5.16 -15.84 -20.60
C ALA A 88 -4.25 -14.63 -20.60
N GLU A 89 -4.81 -13.43 -20.40
CA GLU A 89 -4.04 -12.19 -20.33
C GLU A 89 -4.28 -11.63 -18.92
N ALA A 90 -3.60 -12.21 -17.91
CA ALA A 90 -3.75 -11.79 -16.51
C ALA A 90 -3.48 -10.29 -16.43
N ARG A 91 -4.30 -9.56 -15.62
N ARG A 91 -4.21 -9.60 -15.55
CA ARG A 91 -4.18 -8.09 -15.50
CA ARG A 91 -4.04 -8.17 -15.44
C ARG A 91 -4.38 -7.60 -14.07
C ARG A 91 -4.19 -7.75 -13.99
N ILE A 92 -3.51 -6.69 -13.60
CA ILE A 92 -3.66 -6.08 -12.28
C ILE A 92 -4.09 -4.64 -12.59
N ASN A 93 -5.32 -4.27 -12.23
CA ASN A 93 -5.84 -2.92 -12.44
C ASN A 93 -5.75 -2.15 -11.14
N THR A 94 -5.04 -1.02 -11.13
CA THR A 94 -4.84 -0.29 -9.89
C THR A 94 -5.15 1.18 -10.00
N GLN A 95 -5.36 1.76 -8.82
CA GLN A 95 -5.33 3.19 -8.59
C GLN A 95 -4.23 3.39 -7.57
N TRP A 96 -3.54 4.51 -7.63
CA TRP A 96 -2.41 4.72 -6.77
C TRP A 96 -2.38 6.12 -6.18
N LEU A 97 -1.64 6.24 -5.08
CA LEU A 97 -1.42 7.50 -4.37
C LEU A 97 0.04 7.62 -4.09
N LEU A 98 0.66 8.75 -4.51
N LEU A 98 0.65 8.73 -4.51
CA LEU A 98 2.08 9.01 -4.27
CA LEU A 98 2.05 9.00 -4.23
C LEU A 98 2.21 10.22 -3.33
C LEU A 98 2.07 10.17 -3.26
N THR A 99 2.54 9.95 -2.04
CA THR A 99 2.67 11.00 -1.06
C THR A 99 4.14 11.35 -0.91
N SER A 100 4.44 12.66 -0.99
CA SER A 100 5.79 13.13 -0.72
C SER A 100 5.84 13.64 0.73
N GLY A 101 7.00 13.52 1.36
CA GLY A 101 7.22 14.14 2.67
C GLY A 101 7.34 15.64 2.44
N THR A 102 6.50 16.45 3.12
CA THR A 102 6.47 17.88 2.89
C THR A 102 6.48 18.64 4.20
N THR A 103 6.64 19.94 4.09
CA THR A 103 6.44 20.81 5.23
C THR A 103 4.91 20.92 5.40
N GLU A 104 4.48 21.51 6.52
CA GLU A 104 3.05 21.70 6.75
C GLU A 104 2.44 22.63 5.68
N ALA A 105 3.21 23.67 5.24
CA ALA A 105 2.78 24.62 4.20
C ALA A 105 2.49 23.97 2.86
N ASN A 106 3.19 22.87 2.58
CA ASN A 106 3.02 22.19 1.29
C ASN A 106 2.22 20.92 1.41
N ALA A 107 1.68 20.60 2.61
CA ALA A 107 0.97 19.34 2.79
C ALA A 107 -0.29 19.22 1.93
N TRP A 108 -0.94 20.34 1.61
CA TRP A 108 -2.15 20.29 0.79
C TRP A 108 -1.90 19.69 -0.59
N LYS A 109 -0.65 19.85 -1.09
CA LYS A 109 -0.24 19.36 -2.42
C LYS A 109 0.79 18.22 -2.31
N SER A 110 0.71 17.45 -1.23
CA SER A 110 1.63 16.34 -0.97
C SER A 110 1.33 15.07 -1.76
N THR A 111 0.09 14.90 -2.28
CA THR A 111 -0.34 13.63 -2.80
C THR A 111 -0.82 13.64 -4.23
N LEU A 112 -0.14 12.88 -5.09
CA LEU A 112 -0.57 12.66 -6.46
C LEU A 112 -1.46 11.42 -6.48
N VAL A 113 -2.41 11.37 -7.44
CA VAL A 113 -3.29 10.23 -7.64
C VAL A 113 -3.22 9.85 -9.11
N GLY A 114 -3.36 8.56 -9.36
CA GLY A 114 -3.39 8.10 -10.73
C GLY A 114 -3.87 6.67 -10.81
N HIS A 115 -3.72 6.09 -11.97
CA HIS A 115 -4.18 4.72 -12.20
C HIS A 115 -3.17 4.03 -13.07
N ASP A 116 -3.08 2.70 -12.94
CA ASP A 116 -2.19 2.00 -13.83
C ASP A 116 -2.61 0.58 -13.95
N THR A 117 -2.41 0.00 -15.11
CA THR A 117 -2.72 -1.39 -15.37
C THR A 117 -1.43 -2.13 -15.71
N PHE A 118 -1.28 -3.34 -15.16
CA PHE A 118 -0.10 -4.14 -15.40
C PHE A 118 -0.49 -5.44 -16.05
N THR A 119 0.38 -5.97 -16.92
CA THR A 119 0.21 -7.30 -17.48
C THR A 119 1.55 -8.00 -17.39
N LYS A 120 1.61 -9.31 -17.71
CA LYS A 120 2.87 -10.04 -17.71
C LYS A 120 3.57 -9.96 -19.08
N VAL A 121 3.06 -9.12 -20.01
CA VAL A 121 3.62 -8.96 -21.36
C VAL A 121 4.73 -7.94 -21.32
N LYS A 122 5.96 -8.35 -21.67
CA LYS A 122 7.09 -7.41 -21.71
C LYS A 122 6.92 -6.49 -22.92
N PRO A 123 6.97 -5.14 -22.74
CA PRO A 123 6.80 -4.25 -23.92
C PRO A 123 7.99 -4.32 -24.88
N GLU B 2 11.89 5.25 12.56
CA GLU B 2 12.10 4.19 13.54
C GLU B 2 11.18 4.34 14.80
N ALA B 3 11.71 4.89 15.91
CA ALA B 3 10.98 5.05 17.18
C ALA B 3 9.75 5.93 17.07
N GLY B 4 9.83 6.94 16.19
CA GLY B 4 8.76 7.88 15.92
C GLY B 4 7.51 7.18 15.43
N ILE B 5 7.66 6.34 14.40
CA ILE B 5 6.53 5.63 13.83
C ILE B 5 6.11 4.43 14.70
N THR B 6 7.06 3.68 15.22
CA THR B 6 6.73 2.49 15.99
C THR B 6 5.81 2.81 17.16
N GLY B 7 4.72 2.06 17.26
CA GLY B 7 3.79 2.23 18.38
C GLY B 7 2.35 1.94 18.00
N THR B 8 1.43 2.43 18.84
CA THR B 8 0.00 2.25 18.66
C THR B 8 -0.60 3.58 18.25
N TRP B 9 -1.49 3.55 17.26
CA TRP B 9 -2.12 4.72 16.68
C TRP B 9 -3.61 4.50 16.58
N TYR B 10 -4.42 5.55 16.75
N TYR B 10 -4.38 5.60 16.65
CA TYR B 10 -5.87 5.41 16.57
CA TYR B 10 -5.82 5.50 16.45
C TYR B 10 -6.31 6.48 15.55
C TYR B 10 -6.27 6.50 15.44
N ASN B 11 -7.30 6.18 14.68
CA ASN B 11 -7.79 7.16 13.74
C ASN B 11 -9.08 7.77 14.23
N GLN B 12 -9.59 8.77 13.50
CA GLN B 12 -10.77 9.53 13.87
C GLN B 12 -12.04 8.70 13.98
N LEU B 13 -12.04 7.48 13.41
CA LEU B 13 -13.21 6.59 13.49
C LEU B 13 -13.11 5.59 14.63
N GLY B 14 -11.98 5.58 15.32
CA GLY B 14 -11.75 4.65 16.42
C GLY B 14 -11.02 3.39 16.01
N SER B 15 -10.47 3.35 14.76
CA SER B 15 -9.69 2.19 14.36
C SER B 15 -8.32 2.21 15.04
N THR B 16 -7.70 1.02 15.20
CA THR B 16 -6.41 0.84 15.87
C THR B 16 -5.37 0.33 14.88
N PHE B 17 -4.20 0.93 14.89
CA PHE B 17 -3.06 0.54 14.05
C PHE B 17 -1.84 0.30 14.98
N ILE B 18 -1.30 -0.95 15.04
CA ILE B 18 -0.14 -1.27 15.87
C ILE B 18 0.98 -1.54 14.87
N VAL B 19 2.06 -0.75 14.91
CA VAL B 19 3.10 -0.86 13.86
C VAL B 19 4.50 -0.85 14.44
N THR B 20 5.41 -1.55 13.75
CA THR B 20 6.82 -1.54 14.05
C THR B 20 7.50 -1.09 12.76
N ALA B 21 8.34 -0.06 12.87
CA ALA B 21 9.12 0.48 11.76
C ALA B 21 10.53 -0.10 11.87
N GLY B 22 10.92 -0.91 10.90
CA GLY B 22 12.23 -1.56 10.86
C GLY B 22 13.32 -0.67 10.30
N ALA B 23 14.60 -0.95 10.65
CA ALA B 23 15.69 -0.10 10.16
C ALA B 23 15.86 -0.10 8.63
N ASP B 24 15.32 -1.12 7.97
CA ASP B 24 15.41 -1.27 6.52
C ASP B 24 14.25 -0.57 5.75
N GLY B 25 13.34 0.08 6.47
CA GLY B 25 12.19 0.74 5.84
C GLY B 25 10.90 -0.05 5.88
N ALA B 26 10.91 -1.22 6.54
CA ALA B 26 9.69 -2.03 6.64
C ALA B 26 8.71 -1.50 7.67
N LEU B 27 7.41 -1.63 7.36
CA LEU B 27 6.37 -1.43 8.34
C LEU B 27 5.66 -2.77 8.47
N THR B 28 5.47 -3.26 9.70
CA THR B 28 4.73 -4.51 9.93
C THR B 28 3.85 -4.25 11.15
N GLY B 29 2.72 -4.93 11.22
CA GLY B 29 1.87 -4.81 12.40
C GLY B 29 0.50 -5.36 12.15
N THR B 30 -0.48 -4.84 12.91
CA THR B 30 -1.85 -5.29 12.83
C THR B 30 -2.77 -4.09 12.81
N TYR B 31 -3.92 -4.25 12.19
CA TYR B 31 -4.90 -3.18 12.07
C TYR B 31 -6.26 -3.70 12.49
N GLU B 32 -7.01 -2.90 13.28
CA GLU B 32 -8.37 -3.26 13.68
C GLU B 32 -9.26 -2.12 13.23
N SER B 33 -10.22 -2.39 12.32
CA SER B 33 -11.07 -1.33 11.79
C SER B 33 -12.34 -1.17 12.58
N ALA B 34 -12.69 0.09 12.88
CA ALA B 34 -13.95 0.38 13.56
C ALA B 34 -15.13 0.39 12.58
N VAL B 35 -14.82 0.40 11.27
CA VAL B 35 -15.82 0.49 10.21
C VAL B 35 -15.65 -0.57 9.15
N GLY B 36 -16.72 -0.81 8.43
CA GLY B 36 -16.67 -1.73 7.30
C GLY B 36 -16.85 -3.18 7.68
N ASN B 37 -16.64 -4.04 6.67
CA ASN B 37 -16.84 -5.48 6.82
C ASN B 37 -15.57 -6.06 7.40
N ALA B 38 -15.40 -5.84 8.71
CA ALA B 38 -14.16 -6.17 9.39
C ALA B 38 -14.38 -6.51 10.84
N GLU B 39 -13.63 -7.48 11.33
CA GLU B 39 -13.68 -7.88 12.74
C GLU B 39 -12.33 -8.39 13.14
N SER B 40 -11.93 -8.09 14.37
CA SER B 40 -10.64 -8.49 14.96
C SER B 40 -9.48 -7.85 14.17
N ARG B 41 -8.27 -8.35 14.36
CA ARG B 41 -7.07 -7.77 13.80
C ARG B 41 -6.73 -8.36 12.44
N TYR B 42 -6.11 -7.54 11.60
CA TYR B 42 -5.67 -7.94 10.28
C TYR B 42 -4.19 -7.61 10.14
N VAL B 43 -3.48 -8.40 9.34
CA VAL B 43 -2.06 -8.13 9.10
C VAL B 43 -1.92 -6.87 8.25
N LEU B 44 -0.92 -6.07 8.57
CA LEU B 44 -0.56 -4.98 7.71
C LEU B 44 0.91 -5.01 7.40
N THR B 45 1.25 -4.58 6.20
N THR B 45 1.25 -4.61 6.18
CA THR B 45 2.62 -4.45 5.76
CA THR B 45 2.64 -4.47 5.74
C THR B 45 2.75 -3.19 4.95
C THR B 45 2.76 -3.21 4.92
N GLY B 46 3.91 -2.55 5.04
CA GLY B 46 4.14 -1.33 4.26
C GLY B 46 5.59 -0.94 4.27
N ARG B 47 5.83 0.30 3.88
CA ARG B 47 7.17 0.85 3.77
C ARG B 47 7.17 2.28 4.19
N TYR B 48 8.30 2.75 4.67
CA TYR B 48 8.43 4.15 5.02
C TYR B 48 9.82 4.59 4.61
N ASP B 49 10.01 5.91 4.47
CA ASP B 49 11.31 6.46 4.20
C ASP B 49 12.12 6.44 5.51
N SER B 50 13.15 5.56 5.56
CA SER B 50 13.98 5.38 6.75
C SER B 50 15.05 6.45 6.95
N ALA B 51 15.19 7.37 5.99
CA ALA B 51 16.15 8.47 6.11
C ALA B 51 15.44 9.74 5.64
N PRO B 52 14.40 10.20 6.37
CA PRO B 52 13.67 11.39 5.88
C PRO B 52 14.53 12.65 5.91
N ALA B 53 14.05 13.69 5.25
CA ALA B 53 14.75 14.97 5.25
C ALA B 53 14.67 15.55 6.68
N THR B 54 15.75 16.20 7.14
CA THR B 54 15.82 16.79 8.49
C THR B 54 15.56 18.30 8.41
N ASP B 55 14.48 18.67 7.72
CA ASP B 55 14.09 20.05 7.44
C ASP B 55 12.66 20.42 7.92
N GLY B 56 12.10 19.62 8.82
CA GLY B 56 10.74 19.87 9.29
C GLY B 56 9.69 19.23 8.38
N SER B 57 10.13 18.43 7.40
CA SER B 57 9.21 17.74 6.49
C SER B 57 8.76 16.45 7.15
N GLY B 58 7.58 16.02 6.76
CA GLY B 58 7.10 14.72 7.22
C GLY B 58 7.85 13.58 6.58
N THR B 59 7.61 12.36 7.10
CA THR B 59 8.24 11.12 6.64
C THR B 59 7.20 10.37 5.81
N ALA B 60 7.48 10.21 4.53
CA ALA B 60 6.54 9.52 3.65
C ALA B 60 6.41 8.04 3.99
N LEU B 61 5.20 7.49 3.88
CA LEU B 61 5.00 6.08 4.16
C LEU B 61 3.73 5.58 3.51
N GLY B 62 3.55 4.27 3.57
CA GLY B 62 2.31 3.67 3.07
C GLY B 62 2.19 2.27 3.62
N TRP B 63 0.96 1.76 3.69
CA TRP B 63 0.76 0.38 4.08
C TRP B 63 -0.52 -0.17 3.48
N THR B 64 -0.64 -1.49 3.50
CA THR B 64 -1.80 -2.19 2.99
C THR B 64 -2.35 -3.12 4.03
N VAL B 65 -3.71 -3.24 4.03
CA VAL B 65 -4.40 -4.30 4.75
C VAL B 65 -5.31 -5.01 3.75
N ALA B 66 -5.18 -6.33 3.57
CA ALA B 66 -6.17 -7.12 2.83
C ALA B 66 -7.13 -7.59 3.90
N TRP B 67 -8.43 -7.38 3.67
CA TRP B 67 -9.47 -7.61 4.69
C TRP B 67 -9.89 -9.07 4.81
N LYS B 68 -8.89 -9.91 5.00
CA LYS B 68 -9.05 -11.33 5.26
C LYS B 68 -8.24 -11.67 6.47
N ASN B 69 -8.87 -12.31 7.44
CA ASN B 69 -8.18 -12.86 8.60
C ASN B 69 -8.86 -14.20 8.88
N ASN B 70 -8.63 -14.82 10.03
CA ASN B 70 -9.24 -16.13 10.27
C ASN B 70 -10.70 -16.05 10.61
N TYR B 71 -11.26 -14.85 10.71
CA TYR B 71 -12.65 -14.68 11.13
C TYR B 71 -13.56 -14.18 10.04
N ARG B 72 -13.02 -13.45 9.07
CA ARG B 72 -13.86 -12.82 8.06
C ARG B 72 -13.06 -12.57 6.80
N ASN B 73 -13.75 -12.51 5.66
CA ASN B 73 -13.11 -12.15 4.40
C ASN B 73 -14.04 -11.19 3.64
N ALA B 74 -13.66 -9.92 3.51
CA ALA B 74 -14.47 -8.91 2.83
C ALA B 74 -14.11 -8.82 1.35
N HIS B 75 -13.13 -9.61 0.88
CA HIS B 75 -12.69 -9.62 -0.53
C HIS B 75 -12.38 -8.18 -0.95
N SER B 76 -11.51 -7.53 -0.18
N SER B 76 -11.52 -7.53 -0.16
CA SER B 76 -11.14 -6.15 -0.41
CA SER B 76 -11.15 -6.13 -0.34
C SER B 76 -9.81 -5.84 0.26
C SER B 76 -9.78 -5.87 0.26
N ALA B 77 -9.17 -4.73 -0.12
CA ALA B 77 -7.90 -4.33 0.46
C ALA B 77 -7.87 -2.83 0.49
N THR B 78 -7.31 -2.26 1.56
CA THR B 78 -7.13 -0.81 1.68
C THR B 78 -5.66 -0.48 1.72
N THR B 79 -5.27 0.55 0.96
CA THR B 79 -3.93 1.10 1.09
C THR B 79 -4.03 2.50 1.66
N TRP B 80 -3.16 2.84 2.59
CA TRP B 80 -3.04 4.18 3.16
C TRP B 80 -1.72 4.74 2.69
N SER B 81 -1.75 5.97 2.14
CA SER B 81 -0.55 6.67 1.67
C SER B 81 -0.49 7.98 2.43
N GLY B 82 0.64 8.30 3.06
CA GLY B 82 0.65 9.53 3.85
C GLY B 82 2.01 9.90 4.37
N GLN B 83 1.99 10.72 5.41
CA GLN B 83 3.23 11.13 6.04
C GLN B 83 3.09 11.21 7.53
N TYR B 84 4.17 10.81 8.18
CA TYR B 84 4.31 10.90 9.62
C TYR B 84 4.88 12.27 9.92
N VAL B 85 4.23 12.96 10.85
CA VAL B 85 4.67 14.29 11.31
C VAL B 85 4.97 14.11 12.79
N GLY B 86 6.27 14.11 13.13
CA GLY B 86 6.77 13.92 14.48
C GLY B 86 6.57 15.08 15.43
N GLY B 87 7.16 14.95 16.61
CA GLY B 87 7.08 15.94 17.68
C GLY B 87 6.25 15.45 18.84
N ALA B 88 5.84 16.39 19.72
CA ALA B 88 5.01 16.09 20.89
C ALA B 88 3.60 15.60 20.53
N GLU B 89 3.05 16.16 19.42
CA GLU B 89 1.71 15.86 18.88
C GLU B 89 1.92 15.03 17.59
N ALA B 90 2.38 13.76 17.72
CA ALA B 90 2.67 12.93 16.55
C ALA B 90 1.43 12.48 15.81
N ARG B 91 1.46 12.63 14.46
CA ARG B 91 0.32 12.25 13.64
C ARG B 91 0.79 11.57 12.37
N ILE B 92 -0.07 10.72 11.80
CA ILE B 92 0.17 10.16 10.48
C ILE B 92 -1.07 10.61 9.70
N ASN B 93 -0.84 11.48 8.72
CA ASN B 93 -1.91 12.04 7.88
C ASN B 93 -1.98 11.28 6.60
N THR B 94 -3.14 10.65 6.31
CA THR B 94 -3.23 9.77 5.17
C THR B 94 -4.41 10.02 4.27
N GLN B 95 -4.29 9.48 3.05
CA GLN B 95 -5.36 9.29 2.10
C GLN B 95 -5.36 7.78 1.80
N TRP B 96 -6.54 7.20 1.57
CA TRP B 96 -6.64 5.77 1.40
C TRP B 96 -7.49 5.39 0.23
N LEU B 97 -7.20 4.20 -0.29
CA LEU B 97 -7.95 3.60 -1.39
C LEU B 97 -8.38 2.21 -0.97
N LEU B 98 -9.70 1.96 -0.96
CA LEU B 98 -10.28 0.69 -0.59
C LEU B 98 -10.83 0.03 -1.85
N THR B 99 -10.15 -1.02 -2.35
CA THR B 99 -10.61 -1.70 -3.55
C THR B 99 -11.24 -3.02 -3.17
N SER B 100 -12.42 -3.28 -3.74
CA SER B 100 -13.11 -4.56 -3.57
C SER B 100 -12.95 -5.37 -4.84
N GLY B 101 -12.85 -6.69 -4.69
CA GLY B 101 -12.83 -7.54 -5.89
C GLY B 101 -14.21 -7.47 -6.51
N THR B 102 -14.27 -7.23 -7.83
CA THR B 102 -15.57 -7.12 -8.51
C THR B 102 -15.57 -7.91 -9.80
N THR B 103 -16.75 -8.00 -10.44
CA THR B 103 -16.79 -8.54 -11.78
C THR B 103 -16.32 -7.37 -12.67
N GLU B 104 -16.03 -7.66 -13.94
CA GLU B 104 -15.59 -6.64 -14.88
C GLU B 104 -16.63 -5.54 -15.05
N ALA B 105 -17.94 -5.91 -15.09
CA ALA B 105 -19.01 -4.92 -15.25
C ALA B 105 -19.12 -3.93 -14.09
N ASN B 106 -18.67 -4.34 -12.89
CA ASN B 106 -18.76 -3.46 -11.71
C ASN B 106 -17.41 -2.85 -11.34
N ALA B 107 -16.37 -3.09 -12.15
CA ALA B 107 -15.03 -2.59 -11.83
C ALA B 107 -14.96 -1.09 -11.72
N TRP B 108 -15.82 -0.37 -12.45
CA TRP B 108 -15.80 1.10 -12.37
C TRP B 108 -16.10 1.60 -10.95
N LYS B 109 -16.85 0.80 -10.17
CA LYS B 109 -17.25 1.18 -8.81
C LYS B 109 -16.55 0.31 -7.73
N SER B 110 -15.35 -0.17 -8.07
CA SER B 110 -14.57 -1.01 -7.16
C SER B 110 -13.87 -0.27 -6.03
N THR B 111 -13.60 1.03 -6.17
CA THR B 111 -12.68 1.69 -5.26
C THR B 111 -13.27 2.89 -4.58
N LEU B 112 -13.17 2.90 -3.26
CA LEU B 112 -13.55 4.01 -2.41
C LEU B 112 -12.29 4.77 -2.02
N VAL B 113 -12.44 6.07 -1.80
CA VAL B 113 -11.33 6.91 -1.40
C VAL B 113 -11.73 7.71 -0.16
N GLY B 114 -10.76 7.93 0.71
CA GLY B 114 -11.01 8.74 1.88
C GLY B 114 -9.73 9.22 2.50
N HIS B 115 -9.85 9.76 3.71
CA HIS B 115 -8.70 10.32 4.41
C HIS B 115 -8.83 10.04 5.90
N ASP B 116 -7.73 9.56 6.49
CA ASP B 116 -7.71 9.26 7.92
C ASP B 116 -6.55 9.99 8.55
N THR B 117 -6.77 10.46 9.78
CA THR B 117 -5.72 11.09 10.61
C THR B 117 -5.50 10.14 11.76
N PHE B 118 -4.26 9.67 11.94
CA PHE B 118 -3.91 8.80 13.04
C PHE B 118 -3.17 9.59 14.10
N THR B 119 -3.53 9.37 15.37
CA THR B 119 -2.87 10.03 16.50
C THR B 119 -2.13 8.96 17.27
N LYS B 120 -0.88 9.24 17.68
CA LYS B 120 -0.10 8.27 18.43
C LYS B 120 -0.52 8.24 19.88
N VAL B 121 -0.62 7.04 20.44
CA VAL B 121 -0.92 6.83 21.85
C VAL B 121 0.43 6.93 22.55
N LYS B 122 0.48 7.69 23.67
CA LYS B 122 1.65 7.97 24.52
C LYS B 122 2.83 8.56 23.72
#